data_4F83
#
_entry.id   4F83
#
_cell.length_a   40.532
_cell.length_b   112.097
_cell.length_c   50.168
_cell.angle_alpha   90.00
_cell.angle_beta   98.64
_cell.angle_gamma   90.00
#
_symmetry.space_group_name_H-M   'P 1 21 1'
#
loop_
_entity.id
_entity.type
_entity.pdbx_description
1 polymer 'Type C neurotoxin'
2 non-polymer 'TETRAETHYLENE GLYCOL'
3 non-polymer 'SULFATE ION'
4 non-polymer GLYCEROL
5 water water
#
_entity_poly.entity_id   1
_entity_poly.type   'polypeptide(L)'
_entity_poly.pdbx_seq_one_letter_code
;SINDSKILSLQNKKNALVDTSGYNAEVRLEGDVQVNTIYTNDFKLSSSGDKIIVNLNNNILYSAIYENSSVSFWIKISKD
LTNSHNEYTIINSIKQNSGWKLCIRNGNIEWILQDINRKYKSLIFDYSESLSHTGYTNKWFFVTITNNIMGYMKLYINGE
LKQSERIEDLDEVKLDKTIVFGIDENIDENQMLWIRDFNIFSKELSNEDINIVYEGQILRNVIKDYWGNPLKFDTEYYMI
NYNYIDRYIAPKNNILVLVQYSDISKLYTKNPITIKSAANKNPYSRILNGDDIMFHMLYDSREYMIIRDTDTIYATQGGQ
CSKNCVYALKLQSNLGNYGIGIFSIKNIVSQNKYCSQIFSSFMKNTMLLADIYKPWRFSFENAYTPVAVTNYETKLLSTS
SFWKFISRDPGWVEHHHHHH
;
_entity_poly.pdbx_strand_id   A
#
loop_
_chem_comp.id
_chem_comp.type
_chem_comp.name
_chem_comp.formula
GOL non-polymer GLYCEROL 'C3 H8 O3'
PG4 non-polymer 'TETRAETHYLENE GLYCOL' 'C8 H18 O5'
SO4 non-polymer 'SULFATE ION' 'O4 S -2'
#
# COMPACT_ATOMS: atom_id res chain seq x y z
N SER A 1 16.90 10.87 20.54
CA SER A 1 15.85 10.68 19.50
C SER A 1 16.47 10.33 18.14
N ILE A 2 15.77 9.48 17.38
CA ILE A 2 16.09 9.28 15.97
C ILE A 2 16.03 10.61 15.22
N ASN A 3 14.99 11.41 15.49
CA ASN A 3 14.77 12.68 14.79
C ASN A 3 15.77 13.77 15.09
N ASP A 4 16.55 13.59 16.17
CA ASP A 4 17.66 14.48 16.52
C ASP A 4 18.74 14.49 15.44
N SER A 5 18.79 13.43 14.63
CA SER A 5 19.80 13.32 13.60
C SER A 5 19.28 13.70 12.20
N LYS A 6 18.02 14.16 12.12
CA LYS A 6 17.44 14.53 10.81
C LYS A 6 18.08 15.83 10.36
N ILE A 7 18.67 15.83 9.17
CA ILE A 7 19.14 17.07 8.58
C ILE A 7 18.26 17.60 7.43
N LEU A 8 17.28 16.79 7.00
CA LEU A 8 16.26 17.26 6.05
C LEU A 8 15.02 16.43 6.29
N SER A 9 13.86 17.09 6.34
CA SER A 9 12.58 16.36 6.49
C SER A 9 11.51 17.08 5.70
N LEU A 10 11.15 16.53 4.53
CA LEU A 10 10.15 17.18 3.69
C LEU A 10 8.76 16.84 4.17
N GLN A 11 8.06 17.84 4.72
CA GLN A 11 6.72 17.63 5.23
C GLN A 11 5.80 18.75 4.84
N ASN A 12 4.51 18.46 4.75
CA ASN A 12 3.51 19.44 4.41
C ASN A 12 3.07 20.18 5.66
N LYS A 13 3.34 21.47 5.72
CA LYS A 13 2.92 22.33 6.83
C LYS A 13 2.17 23.51 6.26
N LYS A 14 1.04 23.83 6.87
CA LYS A 14 0.23 24.95 6.46
C LYS A 14 0.12 24.90 4.96
N ASN A 15 -0.11 23.71 4.48
CA ASN A 15 -0.41 23.43 3.09
C ASN A 15 0.71 23.35 2.08
N ALA A 16 1.92 23.72 2.48
CA ALA A 16 3.07 23.65 1.61
C ALA A 16 4.08 22.57 2.00
N LEU A 17 4.84 22.11 1.00
CA LEU A 17 5.94 21.17 1.24
C LEU A 17 7.22 21.90 1.64
N VAL A 18 7.64 21.70 2.88
CA VAL A 18 8.76 22.45 3.43
C VAL A 18 9.70 21.53 4.19
N ASP A 19 10.91 22.03 4.48
CA ASP A 19 11.83 21.30 5.35
C ASP A 19 11.51 21.63 6.80
N THR A 20 11.23 20.62 7.62
CA THR A 20 10.86 20.84 9.02
C THR A 20 11.97 20.41 10.00
N SER A 21 13.13 20.03 9.44
CA SER A 21 14.26 19.54 10.25
C SER A 21 14.80 20.58 11.23
N GLY A 22 14.65 21.86 10.90
CA GLY A 22 15.23 22.93 11.70
C GLY A 22 16.34 23.63 10.93
N TYR A 23 16.74 23.03 9.81
CA TYR A 23 17.85 23.56 9.01
C TYR A 23 17.41 24.42 7.84
N ASN A 24 16.10 24.50 7.64
CA ASN A 24 15.50 25.48 6.72
C ASN A 24 16.02 25.38 5.29
N ALA A 25 16.03 24.18 4.73
CA ALA A 25 16.40 24.01 3.33
C ALA A 25 15.44 24.80 2.43
N GLU A 26 15.96 25.35 1.33
CA GLU A 26 15.11 25.93 0.29
C GLU A 26 14.42 24.77 -0.44
N VAL A 27 13.12 24.91 -0.64
CA VAL A 27 12.30 23.86 -1.28
C VAL A 27 11.40 24.52 -2.32
N ARG A 28 11.71 24.28 -3.60
CA ARG A 28 10.99 24.94 -4.69
C ARG A 28 10.25 23.91 -5.53
N LEU A 29 8.96 24.15 -5.77
CA LEU A 29 8.13 23.26 -6.58
C LEU A 29 8.01 23.83 -8.00
N GLU A 30 8.18 22.97 -9.00
CA GLU A 30 8.09 23.39 -10.40
C GLU A 30 7.14 22.49 -11.18
N GLY A 31 6.38 23.07 -12.11
CA GLY A 31 5.40 22.30 -12.87
C GLY A 31 4.37 21.64 -11.97
N ASP A 32 3.83 20.50 -12.42
CA ASP A 32 2.67 19.86 -11.78
C ASP A 32 3.03 18.96 -10.62
N VAL A 33 3.45 19.55 -9.51
CA VAL A 33 3.68 18.76 -8.32
C VAL A 33 2.41 18.77 -7.53
N GLN A 34 1.74 17.61 -7.46
CA GLN A 34 0.63 17.44 -6.53
C GLN A 34 1.27 16.93 -5.27
N VAL A 35 1.02 17.63 -4.15
CA VAL A 35 1.49 17.26 -2.81
C VAL A 35 0.28 16.97 -1.92
N ASN A 36 0.46 16.13 -0.92
CA ASN A 36 -0.61 15.83 0.04
C ASN A 36 -1.90 15.35 -0.66
N THR A 37 -1.77 14.29 -1.44
CA THR A 37 -2.94 13.77 -2.14
C THR A 37 -3.41 12.44 -1.56
N ILE A 38 -2.47 11.59 -1.16
CA ILE A 38 -2.83 10.28 -0.55
C ILE A 38 -2.44 10.28 0.94
N TYR A 39 -1.20 10.67 1.22
CA TYR A 39 -0.69 10.82 2.54
C TYR A 39 -0.23 12.27 2.71
N THR A 40 -0.28 12.79 3.93
CA THR A 40 0.07 14.22 4.20
C THR A 40 1.38 14.68 3.55
N ASN A 41 2.44 13.91 3.73
CA ASN A 41 3.76 14.31 3.24
C ASN A 41 4.16 13.71 1.91
N ASP A 42 3.19 13.41 1.08
CA ASP A 42 3.43 12.86 -0.23
C ASP A 42 3.62 13.85 -1.33
N PHE A 43 4.17 13.38 -2.42
CA PHE A 43 4.24 14.12 -3.65
C PHE A 43 4.35 13.20 -4.86
N LYS A 44 3.95 13.73 -5.98
CA LYS A 44 3.89 12.95 -7.19
C LYS A 44 4.86 13.43 -8.25
N LEU A 45 5.56 12.48 -8.86
CA LEU A 45 6.47 12.80 -9.96
C LEU A 45 5.94 12.10 -11.20
N SER A 46 5.65 12.87 -12.23
CA SER A 46 5.06 12.33 -13.46
C SER A 46 5.80 12.79 -14.71
N SER A 47 5.35 12.26 -15.83
CA SER A 47 5.87 12.62 -17.13
C SER A 47 5.46 14.05 -17.52
N SER A 48 4.73 14.71 -16.63
CA SER A 48 4.55 16.17 -16.66
C SER A 48 5.89 16.89 -16.67
N GLY A 49 6.89 16.23 -16.10
CA GLY A 49 8.23 16.79 -15.90
C GLY A 49 8.30 17.72 -14.70
N ASP A 50 7.31 17.62 -13.81
CA ASP A 50 7.32 18.37 -12.54
C ASP A 50 8.55 18.04 -11.71
N LYS A 51 9.00 19.01 -10.91
CA LYS A 51 10.26 18.89 -10.18
C LYS A 51 10.11 19.48 -8.80
N ILE A 52 10.85 18.92 -7.84
CA ILE A 52 11.06 19.57 -6.56
C ILE A 52 12.56 19.79 -6.42
N ILE A 53 12.98 21.04 -6.21
CA ILE A 53 14.38 21.34 -6.10
C ILE A 53 14.66 21.75 -4.66
N VAL A 54 15.47 20.95 -3.99
CA VAL A 54 15.88 21.22 -2.61
C VAL A 54 17.30 21.75 -2.60
N ASN A 55 17.51 22.90 -1.94
CA ASN A 55 18.83 23.40 -1.68
C ASN A 55 19.13 23.46 -0.19
N LEU A 56 20.03 22.57 0.26
CA LEU A 56 20.40 22.52 1.67
C LEU A 56 21.20 23.72 2.03
N ASN A 57 21.05 24.15 3.29
CA ASN A 57 22.01 25.07 3.90
C ASN A 57 23.33 24.34 3.80
N ASN A 58 24.18 24.86 2.94
CA ASN A 58 25.43 24.23 2.64
C ASN A 58 26.23 23.84 3.87
N ASN A 59 26.15 24.66 4.93
CA ASN A 59 26.91 24.40 6.14
C ASN A 59 26.61 23.05 6.80
N ILE A 60 25.46 22.45 6.47
CA ILE A 60 25.12 21.08 6.94
C ILE A 60 26.16 20.07 6.50
N LEU A 61 26.76 20.32 5.33
CA LEU A 61 27.72 19.38 4.75
C LEU A 61 29.11 19.45 5.41
N TYR A 62 29.27 20.34 6.40
CA TYR A 62 30.49 20.41 7.21
C TYR A 62 30.23 19.93 8.65
N TYR A 66 29.11 13.52 5.89
CA TYR A 66 30.28 13.08 5.12
C TYR A 66 30.88 11.72 5.56
N GLU A 67 30.87 11.42 6.87
CA GLU A 67 31.18 10.04 7.34
C GLU A 67 30.00 9.04 7.25
N ASN A 68 28.84 9.40 7.77
CA ASN A 68 27.69 8.49 7.76
C ASN A 68 26.36 9.21 7.50
N SER A 69 25.42 8.51 6.86
CA SER A 69 24.14 9.11 6.53
C SER A 69 23.12 8.04 6.38
N SER A 70 21.87 8.44 6.48
CA SER A 70 20.76 7.57 6.09
C SER A 70 19.76 8.37 5.30
N VAL A 71 19.10 7.73 4.35
CA VAL A 71 18.02 8.37 3.60
C VAL A 71 16.84 7.45 3.71
N SER A 72 15.67 7.99 4.07
CA SER A 72 14.47 7.12 4.17
C SER A 72 13.29 7.80 3.48
N PHE A 73 12.40 6.99 2.91
CA PHE A 73 11.19 7.51 2.25
C PHE A 73 10.39 6.31 1.83
N TRP A 74 9.12 6.56 1.51
CA TRP A 74 8.30 5.54 0.88
C TRP A 74 8.15 5.90 -0.58
N ILE A 75 7.96 4.88 -1.40
CA ILE A 75 7.79 5.08 -2.85
C ILE A 75 6.71 4.14 -3.39
N LYS A 76 6.05 4.60 -4.43
CA LYS A 76 4.99 3.85 -5.10
C LYS A 76 5.13 4.12 -6.59
N ILE A 77 5.43 3.07 -7.35
CA ILE A 77 5.82 3.23 -8.75
C ILE A 77 4.80 2.63 -9.66
N SER A 78 4.30 3.42 -10.61
CA SER A 78 3.22 2.94 -11.50
C SER A 78 3.59 1.65 -12.27
N LYS A 79 2.57 0.91 -12.64
CA LYS A 79 2.79 -0.30 -13.47
C LYS A 79 3.50 0.11 -14.78
N ASP A 80 3.02 1.20 -15.40
CA ASP A 80 3.62 1.73 -16.62
C ASP A 80 5.14 1.89 -16.50
N LEU A 81 5.59 2.55 -15.44
CA LEU A 81 7.01 2.86 -15.27
C LEU A 81 7.75 1.57 -14.92
N THR A 82 7.10 0.72 -14.14
CA THR A 82 7.71 -0.52 -13.66
C THR A 82 7.99 -1.48 -14.81
N ASN A 83 7.01 -1.62 -15.68
CA ASN A 83 7.14 -2.51 -16.85
C ASN A 83 8.24 -2.11 -17.85
N SER A 84 8.66 -0.86 -17.81
CA SER A 84 9.66 -0.34 -18.75
C SER A 84 11.06 -0.92 -18.48
N HIS A 85 11.77 -1.27 -19.56
CA HIS A 85 13.13 -1.76 -19.49
C HIS A 85 14.13 -0.63 -19.27
N ASN A 86 13.69 0.63 -19.45
CA ASN A 86 14.59 1.78 -19.42
C ASN A 86 15.00 2.21 -17.99
N GLU A 87 15.98 3.11 -17.92
CA GLU A 87 16.43 3.70 -16.65
C GLU A 87 15.90 5.13 -16.52
N TYR A 88 15.41 5.46 -15.34
CA TYR A 88 14.90 6.79 -15.07
C TYR A 88 15.55 7.32 -13.81
N THR A 89 16.19 8.49 -13.87
CA THR A 89 16.67 9.15 -12.63
C THR A 89 15.49 9.81 -11.95
N ILE A 90 15.28 9.49 -10.67
CA ILE A 90 14.13 9.96 -9.91
C ILE A 90 14.53 11.06 -8.92
N ILE A 91 15.69 10.88 -8.30
CA ILE A 91 16.20 11.88 -7.36
C ILE A 91 17.67 12.05 -7.70
N ASN A 92 18.07 13.27 -8.02
CA ASN A 92 19.40 13.52 -8.53
C ASN A 92 20.12 14.46 -7.58
N SER A 93 21.24 13.99 -7.02
CA SER A 93 22.13 14.86 -6.23
C SER A 93 23.58 14.65 -6.66
N ILE A 94 23.80 14.70 -7.95
CA ILE A 94 25.15 14.65 -8.51
C ILE A 94 25.42 15.93 -9.26
N LYS A 95 26.58 16.51 -8.98
CA LYS A 95 27.08 17.64 -9.73
C LYS A 95 28.60 17.64 -9.68
N GLN A 96 29.23 18.18 -10.74
CA GLN A 96 30.69 18.16 -10.86
C GLN A 96 31.23 16.74 -10.62
N ASN A 97 30.53 15.80 -11.25
CA ASN A 97 30.87 14.36 -11.34
C ASN A 97 30.47 13.48 -10.18
N SER A 98 30.04 14.08 -9.07
CA SER A 98 30.02 13.33 -7.82
C SER A 98 28.77 13.60 -7.00
N GLY A 99 28.40 12.64 -6.15
CA GLY A 99 27.20 12.75 -5.33
C GLY A 99 26.45 11.44 -5.32
N TRP A 100 25.14 11.51 -5.22
CA TRP A 100 24.32 10.28 -5.26
C TRP A 100 23.09 10.51 -6.11
N LYS A 101 22.45 9.42 -6.52
CA LYS A 101 21.16 9.50 -7.19
C LYS A 101 20.33 8.23 -6.91
N LEU A 102 19.01 8.35 -7.09
CA LEU A 102 18.11 7.21 -6.97
C LEU A 102 17.51 7.07 -8.35
N CYS A 103 17.52 5.83 -8.86
CA CYS A 103 16.97 5.57 -10.20
C CYS A 103 15.99 4.42 -10.17
N ILE A 104 15.16 4.36 -11.20
CA ILE A 104 14.37 3.17 -11.48
C ILE A 104 14.88 2.58 -12.79
N ARG A 105 15.12 1.26 -12.83
CA ARG A 105 15.56 0.64 -14.08
C ARG A 105 15.01 -0.76 -14.18
N ASN A 106 14.25 -1.00 -15.24
CA ASN A 106 13.71 -2.33 -15.52
C ASN A 106 13.06 -3.00 -14.30
N GLY A 107 12.25 -2.25 -13.55
CA GLY A 107 11.53 -2.81 -12.42
C GLY A 107 12.39 -3.04 -11.18
N ASN A 108 13.55 -2.38 -11.16
CA ASN A 108 14.42 -2.32 -10.00
C ASN A 108 14.47 -0.90 -9.48
N ILE A 109 14.65 -0.74 -8.16
CA ILE A 109 15.06 0.55 -7.62
C ILE A 109 16.58 0.49 -7.34
N GLU A 110 17.29 1.58 -7.65
CA GLU A 110 18.75 1.61 -7.61
CA GLU A 110 18.76 1.62 -7.60
C GLU A 110 19.23 2.86 -6.90
N TRP A 111 20.16 2.68 -5.95
CA TRP A 111 20.83 3.80 -5.29
C TRP A 111 22.25 3.79 -5.77
N ILE A 112 22.72 4.96 -6.22
CA ILE A 112 24.05 5.12 -6.82
C ILE A 112 24.83 6.14 -6.02
N LEU A 113 26.06 5.79 -5.63
CA LEU A 113 26.98 6.74 -5.00
C LEU A 113 28.23 6.85 -5.88
N GLN A 114 28.62 8.06 -6.24
CA GLN A 114 29.64 8.28 -7.29
C GLN A 114 30.74 9.23 -6.79
N ASP A 115 31.98 8.86 -7.07
CA ASP A 115 33.13 9.66 -6.61
C ASP A 115 33.57 10.68 -7.67
N ILE A 116 34.58 11.46 -7.33
CA ILE A 116 34.98 12.58 -8.17
C ILE A 116 35.65 12.16 -9.48
N ASN A 117 35.90 10.86 -9.64
CA ASN A 117 36.40 10.27 -10.88
C ASN A 117 35.28 9.61 -11.72
N ARG A 118 34.04 9.76 -11.26
CA ARG A 118 32.84 9.18 -11.90
C ARG A 118 32.78 7.66 -11.70
N LYS A 119 33.59 7.13 -10.79
CA LYS A 119 33.47 5.73 -10.39
C LYS A 119 32.27 5.62 -9.44
N TYR A 120 31.46 4.57 -9.58
CA TYR A 120 30.30 4.46 -8.69
C TYR A 120 30.08 3.08 -8.15
N LYS A 121 29.38 3.03 -7.02
CA LYS A 121 28.84 1.78 -6.50
C LYS A 121 27.30 1.91 -6.40
N SER A 122 26.63 0.77 -6.39
CA SER A 122 25.18 0.79 -6.35
C SER A 122 24.58 -0.26 -5.43
N LEU A 123 23.35 0.01 -5.02
CA LEU A 123 22.47 -0.99 -4.38
C LEU A 123 21.26 -1.13 -5.29
N ILE A 124 20.82 -2.36 -5.52
CA ILE A 124 19.74 -2.57 -6.51
C ILE A 124 18.75 -3.55 -5.90
N PHE A 125 17.45 -3.24 -6.01
CA PHE A 125 16.43 -4.18 -5.51
C PHE A 125 15.36 -4.37 -6.55
N ASP A 126 15.04 -5.62 -6.84
CA ASP A 126 13.99 -5.99 -7.80
C ASP A 126 12.65 -5.94 -7.06
N TYR A 127 11.96 -4.81 -7.13
CA TYR A 127 10.63 -4.67 -6.51
C TYR A 127 9.50 -5.20 -7.42
N SER A 128 9.77 -5.33 -8.72
CA SER A 128 8.73 -5.75 -9.71
C SER A 128 8.41 -7.23 -9.60
N GLU A 129 9.47 -8.05 -9.60
CA GLU A 129 9.34 -9.51 -9.71
C GLU A 129 8.43 -9.89 -10.88
N SER A 130 8.76 -9.35 -12.06
CA SER A 130 8.04 -9.57 -13.33
C SER A 130 6.57 -9.17 -13.29
N LEU A 131 6.31 -7.97 -12.75
CA LEU A 131 4.96 -7.44 -12.59
C LEU A 131 4.04 -8.37 -11.81
N SER A 132 4.63 -9.24 -10.99
CA SER A 132 3.86 -10.22 -10.21
C SER A 132 2.92 -9.53 -9.22
N HIS A 133 1.76 -10.14 -8.99
CA HIS A 133 0.82 -9.60 -8.02
C HIS A 133 1.37 -9.67 -6.58
N THR A 134 2.34 -10.56 -6.34
CA THR A 134 3.01 -10.66 -5.04
C THR A 134 4.23 -9.74 -4.91
N GLY A 135 4.59 -9.06 -6.01
CA GLY A 135 5.64 -8.04 -5.93
C GLY A 135 5.08 -6.68 -5.53
N TYR A 136 5.87 -5.63 -5.74
CA TYR A 136 5.51 -4.29 -5.24
C TYR A 136 5.10 -3.31 -6.32
N THR A 137 4.74 -3.79 -7.51
CA THR A 137 4.36 -2.86 -8.57
C THR A 137 3.13 -2.02 -8.12
N ASN A 138 3.30 -0.70 -8.19
CA ASN A 138 2.32 0.30 -7.77
C ASN A 138 1.88 0.18 -6.31
N LYS A 139 2.70 -0.47 -5.48
CA LYS A 139 2.39 -0.53 -4.03
C LYS A 139 3.38 0.34 -3.26
N TRP A 140 2.89 1.06 -2.25
CA TRP A 140 3.80 1.78 -1.35
C TRP A 140 4.75 0.79 -0.65
N PHE A 141 6.05 1.07 -0.72
CA PHE A 141 6.99 0.35 0.12
C PHE A 141 7.99 1.30 0.73
N PHE A 142 8.54 0.90 1.88
CA PHE A 142 9.43 1.79 2.65
C PHE A 142 10.89 1.49 2.36
N VAL A 143 11.64 2.51 1.96
CA VAL A 143 13.05 2.34 1.56
C VAL A 143 13.93 3.01 2.59
N THR A 144 15.01 2.36 2.95
CA THR A 144 16.03 3.05 3.75
C THR A 144 17.40 2.67 3.23
N ILE A 145 18.22 3.70 2.97
CA ILE A 145 19.58 3.46 2.53
C ILE A 145 20.48 4.01 3.64
N THR A 146 21.40 3.20 4.13
CA THR A 146 22.38 3.74 5.07
C THR A 146 23.77 3.71 4.42
N ASN A 147 24.62 4.68 4.77
CA ASN A 147 25.96 4.77 4.16
C ASN A 147 26.95 5.08 5.26
N ASN A 148 28.07 4.36 5.25
CA ASN A 148 29.19 4.70 6.12
C ASN A 148 30.43 4.65 5.25
N ILE A 149 31.01 5.82 5.03
CA ILE A 149 31.93 6.02 3.90
C ILE A 149 33.20 5.17 4.09
N MET A 150 33.43 4.71 5.32
CA MET A 150 34.54 3.83 5.63
C MET A 150 34.19 2.34 5.51
N GLY A 151 32.96 2.03 5.09
CA GLY A 151 32.52 0.66 5.12
C GLY A 151 31.58 0.27 4.00
N TYR A 152 30.30 0.29 4.33
CA TYR A 152 29.25 -0.28 3.49
C TYR A 152 28.13 0.69 3.30
N MET A 153 27.42 0.53 2.21
CA MET A 153 26.09 1.09 2.14
C MET A 153 25.10 -0.04 2.06
N LYS A 154 23.93 0.14 2.68
CA LYS A 154 23.01 -0.97 2.89
C LYS A 154 21.61 -0.49 2.43
N LEU A 155 20.84 -1.41 1.83
CA LEU A 155 19.50 -1.12 1.36
C LEU A 155 18.50 -1.96 2.15
N TYR A 156 17.55 -1.27 2.79
CA TYR A 156 16.49 -1.92 3.55
C TYR A 156 15.18 -1.67 2.83
N ILE A 157 14.33 -2.68 2.79
CA ILE A 157 12.97 -2.56 2.27
C ILE A 157 11.98 -3.01 3.36
N ASN A 158 11.04 -2.12 3.68
CA ASN A 158 10.09 -2.38 4.76
C ASN A 158 10.75 -2.87 6.04
N GLY A 159 11.88 -2.24 6.38
CA GLY A 159 12.59 -2.52 7.62
C GLY A 159 13.48 -3.76 7.60
N GLU A 160 13.60 -4.40 6.46
CA GLU A 160 14.42 -5.63 6.35
C GLU A 160 15.59 -5.37 5.42
N LEU A 161 16.80 -5.67 5.88
CA LEU A 161 17.99 -5.54 5.06
C LEU A 161 17.94 -6.51 3.86
N LYS A 162 18.20 -5.97 2.67
CA LYS A 162 18.15 -6.76 1.43
C LYS A 162 19.52 -6.89 0.76
N GLN A 163 20.31 -5.83 0.81
CA GLN A 163 21.56 -5.78 0.03
C GLN A 163 22.58 -4.93 0.73
N SER A 164 23.85 -5.28 0.58
CA SER A 164 24.95 -4.47 1.09
C SER A 164 26.02 -4.33 -0.01
N GLU A 165 26.69 -3.19 -0.02
CA GLU A 165 27.72 -2.96 -1.03
C GLU A 165 28.93 -2.32 -0.36
N ARG A 166 30.11 -2.85 -0.61
CA ARG A 166 31.34 -2.24 -0.13
C ARG A 166 31.59 -0.96 -0.92
N ILE A 167 32.01 0.09 -0.22
CA ILE A 167 32.30 1.39 -0.88
C ILE A 167 33.73 1.88 -0.62
N GLU A 168 34.58 0.99 -0.13
CA GLU A 168 35.92 1.40 0.26
C GLU A 168 36.81 1.74 -0.93
N ASP A 169 36.52 1.12 -2.05
CA ASP A 169 37.21 1.38 -3.28
C ASP A 169 36.91 2.76 -3.90
N LEU A 170 35.87 3.45 -3.39
CA LEU A 170 35.58 4.81 -3.91
C LEU A 170 36.62 5.80 -3.44
N ASP A 171 36.96 6.75 -4.31
CA ASP A 171 37.74 7.90 -3.89
C ASP A 171 36.81 8.98 -3.33
N GLU A 172 37.27 10.24 -3.25
CA GLU A 172 36.46 11.27 -2.65
C GLU A 172 35.08 11.40 -3.29
N VAL A 173 34.07 11.52 -2.44
CA VAL A 173 32.73 11.95 -2.86
C VAL A 173 32.52 13.38 -2.37
N LYS A 174 32.13 14.25 -3.29
CA LYS A 174 31.81 15.63 -2.99
C LYS A 174 30.28 15.67 -2.99
N LEU A 175 29.66 15.85 -1.84
CA LEU A 175 28.20 15.89 -1.79
C LEU A 175 27.66 17.19 -2.38
N ASP A 176 26.43 17.13 -2.90
CA ASP A 176 25.80 18.21 -3.64
C ASP A 176 24.75 18.79 -2.68
N LYS A 177 24.79 20.10 -2.46
CA LYS A 177 23.80 20.74 -1.59
C LYS A 177 22.41 20.77 -2.27
N THR A 178 22.40 20.60 -3.59
CA THR A 178 21.13 20.57 -4.35
C THR A 178 20.64 19.12 -4.59
N ILE A 179 19.33 18.90 -4.43
CA ILE A 179 18.72 17.60 -4.65
C ILE A 179 17.49 17.85 -5.50
N VAL A 180 17.44 17.21 -6.66
CA VAL A 180 16.33 17.42 -7.61
C VAL A 180 15.48 16.16 -7.74
N PHE A 181 14.20 16.30 -7.42
CA PHE A 181 13.25 15.22 -7.51
C PHE A 181 12.49 15.43 -8.81
N GLY A 182 12.40 14.39 -9.64
CA GLY A 182 11.58 14.44 -10.85
C GLY A 182 12.15 13.62 -12.00
N ILE A 183 11.26 13.24 -12.92
CA ILE A 183 11.66 12.49 -14.11
C ILE A 183 11.43 13.32 -15.37
N ASP A 184 11.91 12.81 -16.49
CA ASP A 184 11.80 13.51 -17.76
C ASP A 184 10.38 13.60 -18.28
N GLU A 185 10.07 14.77 -18.85
CA GLU A 185 8.83 14.99 -19.54
C GLU A 185 8.66 13.95 -20.64
N ASN A 186 7.43 13.49 -20.81
CA ASN A 186 7.12 12.38 -21.70
C ASN A 186 5.66 12.49 -22.09
N ILE A 187 5.33 12.05 -23.31
CA ILE A 187 3.95 12.09 -23.78
C ILE A 187 3.06 11.07 -23.09
N ASP A 188 3.70 10.03 -22.53
CA ASP A 188 2.98 8.94 -21.85
C ASP A 188 2.51 9.38 -20.46
N GLU A 189 1.25 9.81 -20.41
CA GLU A 189 0.65 10.36 -19.21
C GLU A 189 0.51 9.34 -18.04
N ASN A 190 0.69 8.05 -18.30
CA ASN A 190 0.53 7.05 -17.22
C ASN A 190 1.81 6.72 -16.49
N GLN A 191 2.89 7.37 -16.87
CA GLN A 191 4.19 7.18 -16.19
C GLN A 191 4.29 8.10 -14.97
N MET A 192 4.14 7.51 -13.78
CA MET A 192 4.13 8.31 -12.57
C MET A 192 4.62 7.50 -11.40
N LEU A 193 5.06 8.22 -10.37
CA LEU A 193 5.35 7.58 -9.09
C LEU A 193 5.06 8.58 -7.98
N TRP A 194 5.02 8.09 -6.75
CA TRP A 194 4.79 8.93 -5.58
C TRP A 194 5.86 8.65 -4.55
N ILE A 195 6.21 9.68 -3.78
CA ILE A 195 7.14 9.55 -2.66
C ILE A 195 6.46 10.14 -1.45
N ARG A 196 6.66 9.57 -0.27
CA ARG A 196 6.25 10.28 0.94
C ARG A 196 7.29 10.16 2.03
N ASP A 197 7.24 11.12 2.96
CA ASP A 197 8.07 11.16 4.16
C ASP A 197 9.57 11.11 3.87
N PHE A 198 10.02 11.96 2.95
CA PHE A 198 11.43 11.93 2.56
C PHE A 198 12.30 12.58 3.65
N ASN A 199 13.23 11.80 4.20
CA ASN A 199 14.12 12.25 5.27
C ASN A 199 15.57 11.93 4.97
N ILE A 200 16.49 12.82 5.40
CA ILE A 200 17.91 12.47 5.44
C ILE A 200 18.42 12.66 6.90
N PHE A 201 19.21 11.71 7.35
CA PHE A 201 19.82 11.71 8.68
C PHE A 201 21.32 11.73 8.60
N SER A 202 21.96 12.34 9.61
CA SER A 202 23.42 12.45 9.65
C SER A 202 24.08 11.29 10.40
N LYS A 203 23.37 10.17 10.50
CA LYS A 203 23.97 8.98 11.09
C LYS A 203 23.50 7.75 10.34
N GLU A 204 24.19 6.66 10.55
CA GLU A 204 23.79 5.35 10.00
C GLU A 204 22.79 4.75 10.99
N LEU A 205 21.50 4.72 10.60
CA LEU A 205 20.44 4.24 11.48
C LEU A 205 20.60 2.72 11.66
N SER A 206 20.38 2.26 12.90
CA SER A 206 20.38 0.83 13.18
C SER A 206 19.12 0.18 12.63
N ASN A 207 19.16 -1.15 12.49
CA ASN A 207 17.96 -1.91 12.12
C ASN A 207 16.79 -1.60 13.04
N GLU A 208 17.06 -1.58 14.34
CA GLU A 208 16.03 -1.20 15.30
C GLU A 208 15.40 0.17 14.98
N ASP A 209 16.23 1.20 14.77
CA ASP A 209 15.74 2.58 14.48
C ASP A 209 14.98 2.66 13.16
N ILE A 210 15.48 1.94 12.14
CA ILE A 210 14.76 1.85 10.87
C ILE A 210 13.37 1.28 11.09
N ASN A 211 13.26 0.25 11.91
CA ASN A 211 11.94 -0.35 12.14
C ASN A 211 10.99 0.56 12.96
N ILE A 212 11.57 1.38 13.84
CA ILE A 212 10.78 2.39 14.54
C ILE A 212 10.19 3.41 13.54
N VAL A 213 11.03 3.83 12.58
CA VAL A 213 10.59 4.82 11.57
C VAL A 213 9.48 4.19 10.72
N TYR A 214 9.72 2.95 10.29
CA TYR A 214 8.80 2.22 9.45
C TYR A 214 7.42 2.10 10.11
N GLU A 215 7.41 1.57 11.33
CA GLU A 215 6.14 1.35 12.06
C GLU A 215 5.41 2.65 12.36
N GLY A 216 6.14 3.73 12.57
CA GLY A 216 5.53 5.03 12.85
C GLY A 216 4.86 5.56 11.58
N GLN A 217 5.51 5.37 10.44
CA GLN A 217 5.05 6.00 9.20
C GLN A 217 4.06 5.15 8.44
N ILE A 218 3.94 3.86 8.78
CA ILE A 218 2.96 3.02 8.06
C ILE A 218 1.52 3.32 8.47
N LEU A 219 1.36 4.02 9.59
CA LEU A 219 0.05 4.36 10.17
C LEU A 219 -0.72 3.09 10.53
N ARG A 220 -0.33 2.47 11.62
CA ARG A 220 -0.90 1.20 12.04
C ARG A 220 -2.40 1.32 12.32
N ASN A 221 -2.90 2.53 12.56
CA ASN A 221 -4.34 2.76 12.78
C ASN A 221 -5.19 2.57 11.53
N VAL A 222 -4.57 2.76 10.38
CA VAL A 222 -5.31 2.99 9.15
C VAL A 222 -5.36 1.68 8.34
N ILE A 223 -6.56 1.17 8.06
CA ILE A 223 -6.68 0.02 7.16
C ILE A 223 -6.21 0.47 5.79
N LYS A 224 -5.55 -0.43 5.04
CA LYS A 224 -5.03 -0.09 3.71
C LYS A 224 -5.76 -0.78 2.60
N ASP A 225 -5.79 -0.12 1.45
CA ASP A 225 -6.22 -0.79 0.22
C ASP A 225 -5.04 -1.64 -0.34
N TYR A 226 -5.28 -2.33 -1.45
CA TYR A 226 -4.32 -3.25 -2.05
C TYR A 226 -2.96 -2.62 -2.34
N TRP A 227 -2.98 -1.31 -2.65
CA TRP A 227 -1.77 -0.57 -3.00
C TRP A 227 -1.04 0.01 -1.81
N GLY A 228 -1.65 -0.09 -0.63
CA GLY A 228 -1.08 0.54 0.57
C GLY A 228 -1.55 1.98 0.80
N ASN A 229 -2.51 2.44 -0.02
CA ASN A 229 -3.17 3.72 0.29
C ASN A 229 -4.11 3.55 1.47
N PRO A 230 -4.41 4.64 2.18
CA PRO A 230 -5.52 4.48 3.18
C PRO A 230 -6.86 4.01 2.57
N LEU A 231 -7.48 3.05 3.21
CA LEU A 231 -8.83 2.59 2.83
C LEU A 231 -9.82 3.69 3.23
N LYS A 232 -10.80 3.95 2.37
CA LYS A 232 -11.73 5.06 2.58
C LYS A 232 -13.18 4.58 2.51
N PHE A 233 -14.05 5.23 3.31
CA PHE A 233 -15.51 5.02 3.16
C PHE A 233 -16.00 5.54 1.80
N ASP A 234 -17.13 4.99 1.37
CA ASP A 234 -17.89 5.53 0.20
C ASP A 234 -17.09 5.49 -1.10
N THR A 235 -16.15 4.55 -1.17
CA THR A 235 -15.18 4.47 -2.26
C THR A 235 -15.27 3.08 -2.90
N GLU A 236 -15.30 3.00 -4.23
CA GLU A 236 -15.37 1.69 -4.89
C GLU A 236 -14.11 0.85 -4.73
N TYR A 237 -14.31 -0.42 -4.33
CA TYR A 237 -13.21 -1.41 -4.28
C TYR A 237 -13.66 -2.72 -4.84
N TYR A 238 -12.75 -3.37 -5.58
CA TYR A 238 -12.91 -4.79 -5.86
C TYR A 238 -12.41 -5.55 -4.65
N MET A 239 -13.36 -6.04 -3.86
CA MET A 239 -13.04 -6.80 -2.66
C MET A 239 -12.63 -8.24 -3.02
N ILE A 240 -11.41 -8.63 -2.60
CA ILE A 240 -10.90 -9.97 -2.87
C ILE A 240 -10.43 -10.67 -1.60
N ASN A 241 -10.56 -11.98 -1.61
CA ASN A 241 -9.90 -12.77 -0.62
C ASN A 241 -8.44 -12.96 -1.06
N TYR A 242 -7.54 -12.97 -0.09
CA TYR A 242 -6.11 -13.17 -0.35
C TYR A 242 -5.83 -14.38 -1.28
N ASN A 243 -6.61 -15.45 -1.11
CA ASN A 243 -6.36 -16.69 -1.85
C ASN A 243 -6.89 -16.65 -3.30
N TYR A 244 -7.72 -15.66 -3.61
CA TYR A 244 -8.47 -15.69 -4.88
C TYR A 244 -8.50 -14.35 -5.60
N ILE A 245 -7.33 -13.84 -5.99
CA ILE A 245 -7.23 -12.49 -6.55
C ILE A 245 -7.91 -12.39 -7.93
N ASP A 246 -8.14 -13.55 -8.55
CA ASP A 246 -8.73 -13.60 -9.90
C ASP A 246 -10.26 -13.78 -9.89
N ARG A 247 -10.87 -13.67 -8.72
CA ARG A 247 -12.30 -13.87 -8.59
C ARG A 247 -13.00 -12.61 -8.15
N TYR A 248 -14.21 -12.44 -8.63
CA TYR A 248 -15.07 -11.33 -8.16
C TYR A 248 -16.29 -11.87 -7.40
N ILE A 249 -16.99 -10.97 -6.71
CA ILE A 249 -18.16 -11.35 -5.88
C ILE A 249 -19.41 -11.25 -6.71
N ALA A 250 -20.18 -12.33 -6.76
CA ALA A 250 -21.46 -12.28 -7.49
C ALA A 250 -22.59 -12.97 -6.73
N PRO A 251 -23.81 -12.43 -6.85
CA PRO A 251 -24.95 -13.16 -6.28
C PRO A 251 -25.34 -14.32 -7.17
N LYS A 252 -25.57 -15.47 -6.55
CA LYS A 252 -26.03 -16.61 -7.30
C LYS A 252 -26.99 -17.39 -6.43
N ASN A 253 -28.25 -17.45 -6.85
CA ASN A 253 -29.30 -18.17 -6.10
C ASN A 253 -29.36 -17.78 -4.62
N ASN A 254 -29.41 -16.47 -4.39
CA ASN A 254 -29.62 -15.87 -3.05
C ASN A 254 -28.42 -15.90 -2.09
N ILE A 255 -27.24 -16.26 -2.58
CA ILE A 255 -26.03 -16.07 -1.74
C ILE A 255 -24.94 -15.39 -2.55
N LEU A 256 -23.83 -15.08 -1.93
CA LEU A 256 -22.68 -14.57 -2.68
C LEU A 256 -21.66 -15.68 -2.90
N VAL A 257 -21.08 -15.72 -4.12
CA VAL A 257 -20.00 -16.64 -4.44
C VAL A 257 -18.88 -15.90 -5.12
N LEU A 258 -17.72 -16.53 -5.24
CA LEU A 258 -16.59 -15.91 -5.92
C LEU A 258 -16.41 -16.57 -7.27
N VAL A 259 -16.52 -15.77 -8.32
CA VAL A 259 -16.55 -16.26 -9.70
C VAL A 259 -15.26 -15.79 -10.39
N GLN A 260 -14.67 -16.65 -11.24
CA GLN A 260 -13.46 -16.24 -11.91
C GLN A 260 -13.80 -15.21 -12.97
N TYR A 261 -13.07 -14.10 -13.00
CA TYR A 261 -13.27 -13.08 -14.00
C TYR A 261 -12.78 -13.60 -15.36
N SER A 262 -13.47 -13.21 -16.43
CA SER A 262 -13.18 -13.73 -17.79
C SER A 262 -11.75 -13.47 -18.27
N ASP A 263 -11.20 -12.29 -17.94
CA ASP A 263 -9.83 -12.02 -18.28
C ASP A 263 -8.98 -12.23 -17.03
N ILE A 264 -8.28 -13.37 -17.02
CA ILE A 264 -7.32 -13.80 -15.97
C ILE A 264 -6.22 -12.77 -15.61
N SER A 265 -5.95 -11.84 -16.50
CA SER A 265 -4.81 -10.95 -16.31
C SER A 265 -5.19 -9.64 -15.63
N LYS A 266 -6.47 -9.47 -15.34
CA LYS A 266 -6.96 -8.15 -14.92
C LYS A 266 -7.23 -8.11 -13.44
N LEU A 267 -6.85 -6.98 -12.81
CA LEU A 267 -7.18 -6.73 -11.40
C LEU A 267 -8.53 -6.08 -11.23
N TYR A 268 -8.93 -5.26 -12.21
CA TYR A 268 -10.23 -4.59 -12.11
C TYR A 268 -11.28 -5.45 -12.80
N THR A 269 -12.11 -6.09 -11.99
CA THR A 269 -12.98 -7.14 -12.47
C THR A 269 -14.41 -6.63 -12.57
N LYS A 270 -15.27 -7.01 -11.62
CA LYS A 270 -16.71 -6.66 -11.69
C LYS A 270 -17.26 -6.52 -10.30
N ASN A 271 -18.41 -5.86 -10.22
CA ASN A 271 -19.16 -5.72 -9.00
C ASN A 271 -18.36 -5.14 -7.84
N PRO A 272 -17.78 -3.95 -8.03
CA PRO A 272 -17.09 -3.39 -6.87
C PRO A 272 -18.10 -3.06 -5.76
N ILE A 273 -17.61 -3.08 -4.53
CA ILE A 273 -18.44 -2.71 -3.38
C ILE A 273 -18.05 -1.31 -2.90
N THR A 274 -18.85 -0.71 -2.03
CA THR A 274 -18.40 0.45 -1.27
C THR A 274 -18.58 0.10 0.18
N ILE A 275 -17.80 0.77 1.04
CA ILE A 275 -17.86 0.51 2.48
C ILE A 275 -18.49 1.73 3.17
N LYS A 276 -19.48 1.47 4.00
CA LYS A 276 -20.24 2.49 4.69
C LYS A 276 -19.97 2.42 6.19
N SER A 277 -19.81 3.59 6.82
CA SER A 277 -19.62 3.60 8.29
C SER A 277 -20.93 3.30 9.01
N ALA A 278 -20.88 2.41 9.99
CA ALA A 278 -22.05 2.15 10.84
C ALA A 278 -22.10 3.16 11.99
N ALA A 279 -21.12 4.05 12.04
CA ALA A 279 -20.93 4.89 13.21
C ALA A 279 -20.90 6.37 12.86
N ASN A 280 -21.57 6.74 11.77
CA ASN A 280 -21.70 8.15 11.41
C ASN A 280 -20.36 8.88 11.22
N LYS A 281 -19.34 8.17 10.73
CA LYS A 281 -18.06 8.84 10.43
C LYS A 281 -18.22 9.74 9.21
N ASN A 282 -17.32 10.72 9.04
CA ASN A 282 -17.39 11.67 7.91
C ASN A 282 -17.36 10.94 6.57
N PRO A 283 -18.08 11.45 5.56
CA PRO A 283 -17.99 10.85 4.21
C PRO A 283 -16.57 10.82 3.68
N TYR A 284 -16.22 9.70 3.01
CA TYR A 284 -14.90 9.47 2.35
C TYR A 284 -13.71 9.45 3.30
N SER A 285 -13.99 9.39 4.59
CA SER A 285 -12.94 9.43 5.59
C SER A 285 -12.19 8.08 5.66
N ARG A 286 -11.02 8.11 6.28
CA ARG A 286 -10.21 6.92 6.37
C ARG A 286 -10.88 5.88 7.24
N ILE A 287 -10.77 4.61 6.85
CA ILE A 287 -11.29 3.52 7.66
C ILE A 287 -10.20 3.04 8.60
N LEU A 288 -10.54 2.96 9.89
CA LEU A 288 -9.56 2.70 10.92
C LEU A 288 -9.76 1.34 11.55
N ASN A 289 -8.68 0.80 12.08
CA ASN A 289 -8.70 -0.45 12.80
C ASN A 289 -9.79 -0.46 13.86
N GLY A 290 -10.69 -1.45 13.80
CA GLY A 290 -11.81 -1.60 14.72
C GLY A 290 -13.14 -0.96 14.31
N ASP A 291 -13.13 -0.22 13.21
CA ASP A 291 -14.36 0.49 12.77
C ASP A 291 -15.46 -0.49 12.45
N ASP A 292 -16.70 -0.11 12.79
CA ASP A 292 -17.88 -0.90 12.41
C ASP A 292 -18.36 -0.40 11.07
N ILE A 293 -18.61 -1.34 10.17
CA ILE A 293 -18.84 -1.01 8.76
C ILE A 293 -19.96 -1.84 8.16
N MET A 294 -20.46 -1.39 7.01
CA MET A 294 -21.37 -2.18 6.15
C MET A 294 -20.80 -2.22 4.74
N PHE A 295 -21.17 -3.22 3.95
CA PHE A 295 -20.72 -3.29 2.55
C PHE A 295 -21.93 -3.14 1.66
N HIS A 296 -21.85 -2.24 0.70
CA HIS A 296 -22.92 -2.04 -0.25
C HIS A 296 -22.43 -2.45 -1.61
N MET A 297 -23.36 -2.84 -2.47
CA MET A 297 -23.00 -3.21 -3.85
C MET A 297 -24.14 -2.74 -4.74
N LEU A 298 -23.78 -1.96 -5.75
CA LEU A 298 -24.72 -1.63 -6.84
C LEU A 298 -24.67 -2.79 -7.85
N TYR A 299 -25.82 -3.46 -8.04
CA TYR A 299 -25.88 -4.66 -8.90
C TYR A 299 -27.18 -4.61 -9.72
N ASP A 300 -27.03 -4.67 -11.06
CA ASP A 300 -28.16 -4.59 -12.00
CA ASP A 300 -28.18 -4.61 -11.97
C ASP A 300 -29.09 -3.44 -11.60
N SER A 301 -28.49 -2.26 -11.41
CA SER A 301 -29.21 -1.00 -11.18
C SER A 301 -30.00 -0.98 -9.90
N ARG A 302 -29.59 -1.78 -8.92
CA ARG A 302 -30.17 -1.66 -7.57
C ARG A 302 -29.08 -1.73 -6.50
N GLU A 303 -29.20 -0.88 -5.48
CA GLU A 303 -28.26 -0.85 -4.37
CA GLU A 303 -28.24 -0.85 -4.38
C GLU A 303 -28.63 -1.91 -3.31
N TYR A 304 -27.66 -2.72 -2.89
CA TYR A 304 -27.90 -3.76 -1.88
C TYR A 304 -26.89 -3.60 -0.77
N MET A 305 -27.21 -4.12 0.42
CA MET A 305 -26.16 -4.30 1.45
C MET A 305 -25.92 -5.80 1.67
N ILE A 306 -24.69 -6.12 2.02
CA ILE A 306 -24.33 -7.52 2.32
C ILE A 306 -24.73 -7.84 3.74
N ILE A 307 -25.42 -8.96 3.93
CA ILE A 307 -25.73 -9.40 5.28
C ILE A 307 -25.30 -10.84 5.48
N ARG A 308 -25.04 -11.19 6.72
CA ARG A 308 -24.83 -12.59 7.05
C ARG A 308 -26.15 -13.37 7.00
N ASP A 309 -26.12 -14.59 6.48
CA ASP A 309 -27.33 -15.45 6.54
C ASP A 309 -27.71 -15.73 7.99
N THR A 310 -28.99 -15.94 8.23
CA THR A 310 -29.45 -16.31 9.57
C THR A 310 -29.03 -17.69 10.01
N ASP A 311 -29.19 -18.65 9.10
CA ASP A 311 -28.91 -20.05 9.41
C ASP A 311 -27.70 -20.51 8.61
N THR A 312 -27.11 -21.62 9.05
CA THR A 312 -25.89 -22.10 8.42
C THR A 312 -26.17 -22.70 7.04
N ILE A 313 -25.08 -23.09 6.36
CA ILE A 313 -25.17 -23.61 5.02
C ILE A 313 -25.64 -25.08 5.00
N TYR A 314 -25.73 -25.69 6.19
CA TYR A 314 -26.09 -27.10 6.30
C TYR A 314 -27.49 -27.25 6.88
N ALA A 315 -28.43 -27.68 6.03
CA ALA A 315 -29.86 -27.71 6.39
C ALA A 315 -30.15 -28.58 7.61
N THR A 316 -29.37 -29.64 7.82
CA THR A 316 -29.59 -30.51 8.97
C THR A 316 -29.30 -29.82 10.28
N GLN A 317 -28.69 -28.63 10.22
CA GLN A 317 -28.36 -27.93 11.45
C GLN A 317 -29.51 -27.03 11.87
N GLY A 318 -30.35 -26.66 10.90
CA GLY A 318 -31.47 -25.77 11.15
C GLY A 318 -30.97 -24.52 11.83
N GLY A 319 -31.71 -24.04 12.82
CA GLY A 319 -31.26 -22.92 13.65
C GLY A 319 -30.55 -23.37 14.92
N GLN A 320 -29.97 -24.56 14.90
CA GLN A 320 -29.43 -25.15 16.13
C GLN A 320 -27.90 -25.31 16.20
N CYS A 321 -27.17 -24.67 15.29
CA CYS A 321 -25.71 -24.82 15.32
C CYS A 321 -25.10 -24.16 16.55
N SER A 322 -24.18 -24.86 17.19
CA SER A 322 -23.51 -24.33 18.38
C SER A 322 -21.98 -24.17 18.20
N LYS A 323 -21.37 -25.04 17.39
CA LYS A 323 -19.93 -25.01 17.19
C LYS A 323 -19.58 -25.21 15.71
N ASN A 324 -18.52 -24.56 15.23
CA ASN A 324 -18.11 -24.60 13.82
C ASN A 324 -19.26 -24.27 12.85
N CYS A 325 -19.95 -23.20 13.15
CA CYS A 325 -21.08 -22.77 12.35
C CYS A 325 -20.56 -21.98 11.17
N VAL A 326 -21.11 -22.23 9.99
CA VAL A 326 -20.67 -21.59 8.75
C VAL A 326 -21.89 -20.95 8.08
N TYR A 327 -21.85 -19.63 7.92
CA TYR A 327 -22.96 -18.88 7.34
C TYR A 327 -22.52 -18.25 6.03
N ALA A 328 -23.32 -18.44 5.01
CA ALA A 328 -23.13 -17.73 3.74
C ALA A 328 -23.57 -16.28 3.94
N LEU A 329 -23.29 -15.49 2.90
CA LEU A 329 -23.65 -14.07 2.84
C LEU A 329 -24.66 -13.87 1.72
N LYS A 330 -25.49 -12.84 1.84
CA LYS A 330 -26.47 -12.56 0.79
C LYS A 330 -26.67 -11.06 0.63
N LEU A 331 -27.33 -10.66 -0.46
CA LEU A 331 -27.70 -9.25 -0.64
C LEU A 331 -29.09 -8.97 -0.14
N GLN A 332 -29.26 -7.78 0.42
CA GLN A 332 -30.53 -7.31 0.95
C GLN A 332 -30.79 -5.93 0.35
N SER A 333 -31.98 -5.71 -0.21
CA SER A 333 -32.25 -4.41 -0.83
C SER A 333 -32.73 -3.37 0.17
N ASN A 334 -33.22 -3.81 1.32
CA ASN A 334 -33.57 -2.89 2.40
C ASN A 334 -32.29 -2.36 3.06
N LEU A 335 -32.03 -1.06 2.92
CA LEU A 335 -30.79 -0.50 3.38
C LEU A 335 -31.01 0.14 4.75
N GLY A 336 -30.06 -0.05 5.65
CA GLY A 336 -30.16 0.52 7.01
C GLY A 336 -29.09 -0.07 7.91
N ASN A 337 -29.05 0.38 9.16
CA ASN A 337 -28.01 -0.07 10.08
C ASN A 337 -28.43 -1.36 10.76
N TYR A 338 -28.75 -2.38 9.96
CA TYR A 338 -29.21 -3.66 10.48
C TYR A 338 -28.02 -4.42 11.03
N GLY A 339 -28.15 -4.88 12.26
CA GLY A 339 -27.04 -5.51 12.97
C GLY A 339 -26.48 -6.70 12.22
N ILE A 340 -27.34 -7.42 11.50
CA ILE A 340 -26.90 -8.65 10.81
C ILE A 340 -25.99 -8.28 9.62
N GLY A 341 -25.98 -7.01 9.23
CA GLY A 341 -25.08 -6.54 8.15
C GLY A 341 -23.98 -5.60 8.63
N ILE A 342 -23.69 -5.59 9.93
CA ILE A 342 -22.59 -4.76 10.46
C ILE A 342 -21.42 -5.64 10.80
N PHE A 343 -20.23 -5.20 10.38
CA PHE A 343 -19.01 -5.98 10.56
C PHE A 343 -17.97 -5.09 11.19
N SER A 344 -16.92 -5.67 11.77
CA SER A 344 -15.80 -4.83 12.22
C SER A 344 -14.61 -5.21 11.35
N ILE A 345 -13.80 -4.21 11.00
CA ILE A 345 -12.62 -4.47 10.17
C ILE A 345 -11.37 -4.22 11.00
N LYS A 346 -10.42 -5.17 11.00
CA LYS A 346 -9.24 -5.05 11.88
C LYS A 346 -7.95 -5.37 11.12
N ASN A 347 -6.84 -4.79 11.54
CA ASN A 347 -5.57 -5.11 10.94
C ASN A 347 -5.08 -6.42 11.51
N ILE A 348 -4.43 -7.22 10.67
CA ILE A 348 -3.89 -8.50 11.06
C ILE A 348 -2.77 -8.28 12.03
N VAL A 349 -2.96 -8.69 13.28
CA VAL A 349 -1.98 -8.34 14.30
C VAL A 349 -0.56 -8.76 13.95
N SER A 350 0.39 -7.86 14.13
CA SER A 350 1.79 -8.12 13.81
C SER A 350 2.05 -8.49 12.35
N GLN A 351 1.23 -7.98 11.44
CA GLN A 351 1.44 -8.13 9.99
C GLN A 351 1.07 -6.82 9.29
N ASN A 352 2.09 -6.20 8.67
CA ASN A 352 1.99 -4.89 8.01
C ASN A 352 1.50 -5.04 6.58
N LYS A 353 1.13 -6.28 6.23
CA LYS A 353 0.56 -6.61 4.93
C LYS A 353 -0.64 -5.72 4.69
N TYR A 354 -0.88 -5.38 3.43
CA TYR A 354 -2.01 -4.53 3.07
C TYR A 354 -3.27 -5.37 2.93
N CYS A 355 -3.61 -6.01 4.03
CA CYS A 355 -4.77 -6.91 4.15
CA CYS A 355 -4.85 -6.77 4.08
C CYS A 355 -5.45 -6.62 5.48
N SER A 356 -6.66 -7.10 5.64
CA SER A 356 -7.36 -6.98 6.90
C SER A 356 -8.22 -8.21 7.16
N GLN A 357 -8.71 -8.33 8.38
CA GLN A 357 -9.69 -9.33 8.74
C GLN A 357 -11.03 -8.66 9.07
N ILE A 358 -12.11 -9.38 8.84
CA ILE A 358 -13.46 -8.85 8.99
C ILE A 358 -14.25 -9.77 9.89
N PHE A 359 -14.88 -9.19 10.91
CA PHE A 359 -15.59 -9.96 11.92
C PHE A 359 -17.02 -9.51 12.03
N SER A 360 -17.88 -10.40 12.52
CA SER A 360 -19.21 -10.00 12.96
C SER A 360 -19.42 -10.43 14.40
N SER A 361 -20.17 -9.59 15.13
CA SER A 361 -20.52 -9.91 16.51
C SER A 361 -22.03 -10.07 16.67
N PHE A 362 -22.74 -10.22 15.55
CA PHE A 362 -24.19 -10.37 15.62
C PHE A 362 -24.56 -11.79 16.05
N MET A 363 -25.08 -11.88 17.30
CA MET A 363 -25.53 -13.15 17.92
CA MET A 363 -25.52 -13.15 17.92
C MET A 363 -24.41 -14.13 18.31
N LYS A 364 -23.47 -14.36 17.39
CA LYS A 364 -22.31 -15.20 17.65
C LYS A 364 -21.11 -14.49 17.04
N ASN A 365 -19.93 -14.71 17.62
CA ASN A 365 -18.73 -14.14 17.05
C ASN A 365 -18.32 -14.93 15.82
N THR A 366 -18.29 -14.27 14.67
CA THR A 366 -17.79 -14.92 13.45
C THR A 366 -16.66 -14.14 12.80
N MET A 367 -15.91 -14.82 11.95
CA MET A 367 -14.90 -14.17 11.11
C MET A 367 -15.16 -14.51 9.66
N LEU A 368 -14.96 -13.56 8.76
CA LEU A 368 -15.11 -13.86 7.33
C LEU A 368 -13.88 -14.55 6.75
N LEU A 369 -14.14 -15.63 6.01
CA LEU A 369 -13.07 -16.28 5.25
C LEU A 369 -13.62 -16.79 3.90
N ALA A 370 -12.74 -17.23 3.01
CA ALA A 370 -13.19 -17.85 1.72
C ALA A 370 -12.61 -19.24 1.58
N ASP A 371 -13.42 -20.18 1.11
CA ASP A 371 -12.92 -21.51 0.83
C ASP A 371 -13.97 -22.17 -0.05
N ILE A 372 -13.67 -23.38 -0.52
CA ILE A 372 -14.64 -24.16 -1.31
C ILE A 372 -15.60 -24.84 -0.37
N TYR A 373 -16.89 -24.52 -0.53
CA TYR A 373 -17.98 -25.05 0.32
C TYR A 373 -19.09 -25.56 -0.57
N LYS A 374 -20.09 -26.20 0.05
CA LYS A 374 -21.40 -26.41 -0.56
C LYS A 374 -22.37 -25.44 0.11
N PRO A 375 -22.41 -24.19 -0.39
CA PRO A 375 -23.01 -23.11 0.42
C PRO A 375 -24.54 -22.98 0.36
N TRP A 376 -25.17 -23.62 -0.64
CA TRP A 376 -26.63 -23.67 -0.71
C TRP A 376 -27.20 -24.81 0.11
N ARG A 377 -28.10 -24.48 1.04
CA ARG A 377 -28.60 -25.47 2.01
C ARG A 377 -29.16 -26.71 1.38
N PHE A 378 -29.73 -26.60 0.20
CA PHE A 378 -30.42 -27.78 -0.28
C PHE A 378 -29.80 -28.37 -1.52
N SER A 379 -28.46 -28.25 -1.60
CA SER A 379 -27.71 -28.54 -2.82
C SER A 379 -26.31 -29.08 -2.54
N PHE A 380 -25.86 -30.00 -3.42
CA PHE A 380 -24.53 -30.62 -3.41
C PHE A 380 -23.50 -29.75 -4.15
N GLU A 381 -23.97 -28.70 -4.81
CA GLU A 381 -23.08 -27.94 -5.67
C GLU A 381 -21.96 -27.25 -4.87
N ASN A 382 -20.72 -27.33 -5.37
CA ASN A 382 -19.56 -26.60 -4.78
C ASN A 382 -19.48 -25.18 -5.27
N ALA A 383 -18.91 -24.28 -4.45
CA ALA A 383 -18.59 -22.93 -4.94
C ALA A 383 -17.46 -22.39 -4.10
N TYR A 384 -16.62 -21.53 -4.68
CA TYR A 384 -15.77 -20.67 -3.86
C TYR A 384 -16.68 -19.66 -3.19
N THR A 385 -16.66 -19.63 -1.87
CA THR A 385 -17.70 -18.91 -1.11
C THR A 385 -17.09 -18.08 0.01
N PRO A 386 -17.48 -16.80 0.08
CA PRO A 386 -17.16 -16.04 1.28
C PRO A 386 -18.19 -16.40 2.37
N VAL A 387 -17.69 -16.77 3.55
CA VAL A 387 -18.56 -17.23 4.67
C VAL A 387 -18.16 -16.58 5.97
N ALA A 388 -19.09 -16.54 6.93
CA ALA A 388 -18.80 -16.10 8.31
C ALA A 388 -18.75 -17.38 9.14
N VAL A 389 -17.63 -17.63 9.81
CA VAL A 389 -17.51 -18.87 10.62
C VAL A 389 -17.29 -18.59 12.10
N THR A 390 -17.86 -19.43 12.96
CA THR A 390 -17.55 -19.35 14.40
C THR A 390 -16.31 -20.15 14.75
N ASN A 391 -15.87 -20.04 16.01
CA ASN A 391 -14.77 -20.86 16.50
C ASN A 391 -13.54 -20.70 15.59
N TYR A 392 -13.12 -19.44 15.44
CA TYR A 392 -12.11 -19.10 14.43
C TYR A 392 -10.71 -18.82 14.99
N GLU A 393 -10.53 -19.13 16.27
CA GLU A 393 -9.25 -18.95 16.94
C GLU A 393 -8.08 -19.54 16.11
N THR A 394 -8.22 -20.78 15.69
CA THR A 394 -7.13 -21.47 14.97
C THR A 394 -7.01 -21.05 13.50
N LYS A 395 -7.91 -20.17 13.04
CA LYS A 395 -7.90 -19.66 11.66
C LYS A 395 -7.37 -18.22 11.55
N LEU A 396 -6.98 -17.62 12.69
CA LEU A 396 -6.54 -16.20 12.70
C LEU A 396 -5.25 -15.96 11.93
N LEU A 397 -4.51 -17.03 11.64
CA LEU A 397 -3.31 -16.93 10.85
C LEU A 397 -3.45 -17.49 9.45
N SER A 398 -4.66 -17.93 9.08
CA SER A 398 -4.87 -18.53 7.78
C SER A 398 -5.02 -17.43 6.75
N THR A 399 -4.31 -17.52 5.62
CA THR A 399 -4.48 -16.54 4.52
C THR A 399 -5.93 -16.50 4.00
N SER A 400 -6.69 -17.60 4.16
CA SER A 400 -8.12 -17.59 3.80
C SER A 400 -8.94 -16.56 4.56
N SER A 401 -8.39 -16.06 5.69
CA SER A 401 -9.10 -15.05 6.48
C SER A 401 -8.70 -13.62 6.13
N PHE A 402 -7.75 -13.44 5.18
CA PHE A 402 -7.25 -12.11 4.87
C PHE A 402 -7.99 -11.53 3.67
N TRP A 403 -8.37 -10.26 3.77
CA TRP A 403 -9.10 -9.62 2.63
C TRP A 403 -8.34 -8.42 2.13
N LYS A 404 -8.47 -8.13 0.84
CA LYS A 404 -7.83 -6.93 0.24
C LYS A 404 -8.86 -6.18 -0.55
N PHE A 405 -8.60 -4.91 -0.76
CA PHE A 405 -9.56 -4.01 -1.44
C PHE A 405 -8.83 -3.26 -2.55
N ILE A 406 -9.16 -3.59 -3.81
CA ILE A 406 -8.45 -3.02 -4.93
C ILE A 406 -9.20 -1.81 -5.41
N SER A 407 -8.62 -0.64 -5.25
CA SER A 407 -9.19 0.59 -5.85
C SER A 407 -8.68 0.80 -7.26
N ARG A 408 -9.48 1.51 -8.08
CA ARG A 408 -8.97 1.99 -9.36
C ARG A 408 -8.01 3.14 -9.06
N ASP A 409 -6.73 2.89 -9.30
CA ASP A 409 -5.64 3.75 -8.88
C ASP A 409 -4.88 4.15 -10.12
N PRO A 410 -4.48 5.44 -10.21
CA PRO A 410 -3.95 5.95 -11.47
C PRO A 410 -2.60 5.33 -11.83
N GLY A 411 -1.94 4.72 -10.84
CA GLY A 411 -0.67 4.01 -11.07
C GLY A 411 -0.86 2.57 -11.59
N TRP A 412 -2.10 2.17 -11.86
CA TRP A 412 -2.35 0.84 -12.44
C TRP A 412 -3.51 0.95 -13.39
N VAL A 413 -3.19 1.10 -14.67
CA VAL A 413 -4.23 1.36 -15.67
C VAL A 413 -4.57 0.08 -16.45
N GLU A 414 -5.86 -0.22 -16.58
CA GLU A 414 -6.27 -1.33 -17.40
C GLU A 414 -7.27 -0.83 -18.45
N HIS A 415 -7.29 -1.52 -19.60
CA HIS A 415 -8.01 -1.03 -20.80
C HIS A 415 -8.42 0.43 -20.67
N HIS A 416 -7.44 1.32 -20.86
CA HIS A 416 -7.57 2.78 -20.75
C HIS A 416 -8.79 3.33 -21.51
O1 PG4 B . -10.03 -10.79 17.75
C1 PG4 B . -10.50 -9.84 16.79
C2 PG4 B . -11.96 -10.16 16.51
O2 PG4 B . -12.78 -9.42 17.38
C3 PG4 B . -14.13 -9.30 16.92
C4 PG4 B . -14.86 -8.35 17.86
O3 PG4 B . -14.56 -7.00 17.50
C5 PG4 B . -15.31 -6.02 18.22
C6 PG4 B . -14.85 -4.63 17.80
O4 PG4 B . -13.59 -4.34 18.41
C7 PG4 B . -12.96 -3.17 17.90
C8 PG4 B . -11.70 -2.88 18.72
O5 PG4 B . -10.55 -2.69 17.88
O1 PG4 C . -4.22 9.30 -6.48
C1 PG4 C . -5.34 8.55 -6.00
C2 PG4 C . -4.85 7.18 -5.53
O2 PG4 C . -5.97 6.27 -5.45
C3 PG4 C . -6.49 6.20 -4.12
C4 PG4 C . -7.84 5.52 -4.16
O3 PG4 C . -8.73 6.31 -4.95
C5 PG4 C . -9.90 5.60 -5.36
C6 PG4 C . -11.01 6.60 -5.69
O4 PG4 C . -11.48 7.19 -4.47
C7 PG4 C . -12.39 8.26 -4.75
C8 PG4 C . -13.30 8.47 -3.55
O5 PG4 C . -12.56 9.02 -2.45
S SO4 D . 22.45 -3.31 13.00
O1 SO4 D . 21.64 -3.73 14.14
O2 SO4 D . 23.74 -2.85 13.50
O3 SO4 D . 21.79 -2.22 12.31
O4 SO4 D . 22.64 -4.44 12.07
S SO4 E . -22.65 -11.45 -12.42
O1 SO4 E . -22.01 -10.44 -11.60
O2 SO4 E . -23.83 -11.93 -11.75
O3 SO4 E . -21.74 -12.60 -12.67
O4 SO4 E . -23.03 -10.82 -13.69
C1 GOL F . 0.56 -6.56 1.03
O1 GOL F . 1.26 -6.09 -0.10
C2 GOL F . 0.83 -8.03 1.36
O2 GOL F . -0.18 -8.53 2.19
C3 GOL F . 0.84 -8.92 0.13
O3 GOL F . 1.79 -9.92 0.33
C1 GOL G . 2.11 11.47 6.27
O1 GOL G . 2.69 11.31 4.98
C2 GOL G . 1.08 10.42 6.69
O2 GOL G . 1.62 9.73 7.79
C3 GOL G . -0.30 11.03 7.11
O3 GOL G . -1.20 11.02 6.00
S SO4 H . -30.97 -17.52 5.67
O1 SO4 H . -32.40 -17.56 5.98
O2 SO4 H . -30.29 -18.50 6.54
O3 SO4 H . -30.83 -17.91 4.27
O4 SO4 H . -30.42 -16.18 5.89
O1 PG4 I . 29.30 10.18 3.42
C1 PG4 I . 28.59 8.91 3.47
C2 PG4 I . 27.13 9.19 3.20
O2 PG4 I . 26.98 9.92 1.99
C3 PG4 I . 26.17 9.28 1.01
C4 PG4 I . 24.77 9.87 0.93
O3 PG4 I . 24.67 11.12 1.59
C5 PG4 I . 23.30 11.53 1.61
C6 PG4 I . 23.17 12.94 2.13
O4 PG4 I . 23.50 13.81 1.07
C7 PG4 I . 23.15 15.15 1.36
C8 PG4 I . 23.64 16.01 0.22
O5 PG4 I . 23.12 15.57 -1.04
#